data_4HYZ
#
_entry.id   4HYZ
#
_cell.length_a   66.290
_cell.length_b   66.290
_cell.length_c   253.830
_cell.angle_alpha   90.000
_cell.angle_beta   90.000
_cell.angle_gamma   120.000
#
_symmetry.space_group_name_H-M   'P 65 2 2'
#
loop_
_entity.id
_entity.type
_entity.pdbx_description
1 polymer 'Uncharacterized protein'
2 non-polymer 'SULFATE ION'
3 non-polymer 'CHLORIDE ION'
4 non-polymer GLYCEROL
5 water water
#
_entity_poly.entity_id   1
_entity_poly.type   'polypeptide(L)'
_entity_poly.pdbx_seq_one_letter_code
;GEILKELPEGFDKETVRKQA(MSE)EDIEIAQSKDYESWKSRFTKDLQSSLTEESYDSYLKILEKQGEFKEFGKCTYLGQ
IKDNKKYGGVIIVVKYEEGNVNYSLAYDED(MSE)NLVSFT(MSE)
;
_entity_poly.pdbx_strand_id   A,B
#
loop_
_chem_comp.id
_chem_comp.type
_chem_comp.name
_chem_comp.formula
CL non-polymer 'CHLORIDE ION' 'Cl -1'
GOL non-polymer GLYCEROL 'C3 H8 O3'
SO4 non-polymer 'SULFATE ION' 'O4 S -2'
#
# COMPACT_ATOMS: atom_id res chain seq x y z
N GLY A 1 -6.46 -19.27 -13.04
CA GLY A 1 -6.13 -18.52 -11.84
C GLY A 1 -5.56 -17.14 -12.14
N GLU A 2 -5.26 -16.36 -11.09
CA GLU A 2 -4.67 -15.02 -11.22
C GLU A 2 -3.71 -14.69 -10.08
N ILE A 3 -2.62 -14.02 -10.41
CA ILE A 3 -1.68 -13.46 -9.44
C ILE A 3 -1.96 -11.98 -9.47
N LEU A 4 -2.19 -11.39 -8.29
CA LEU A 4 -2.53 -9.97 -8.19
C LEU A 4 -1.45 -9.20 -7.49
N LYS A 5 -1.21 -7.97 -7.94
CA LYS A 5 -0.19 -7.10 -7.34
C LYS A 5 -0.86 -6.10 -6.37
N GLU A 6 -1.94 -6.55 -5.73
CA GLU A 6 -2.67 -5.84 -4.66
C GLU A 6 -3.56 -6.86 -3.98
N LEU A 7 -4.24 -6.49 -2.89
CA LEU A 7 -5.16 -7.45 -2.27
C LEU A 7 -6.38 -7.68 -3.16
N PRO A 8 -6.98 -8.90 -3.14
CA PRO A 8 -8.27 -9.09 -3.83
C PRO A 8 -9.41 -8.33 -3.14
N GLU A 9 -10.58 -8.28 -3.79
CA GLU A 9 -11.80 -7.69 -3.17
C GLU A 9 -12.13 -8.44 -1.90
N GLY A 10 -12.61 -7.74 -0.87
CA GLY A 10 -13.00 -8.34 0.39
C GLY A 10 -11.92 -8.31 1.45
N PHE A 11 -10.68 -7.99 1.05
CA PHE A 11 -9.56 -7.87 1.99
C PHE A 11 -9.23 -6.39 2.20
N ASP A 12 -8.68 -6.01 3.36
CA ASP A 12 -8.27 -4.61 3.47
C ASP A 12 -6.92 -4.59 4.16
N LYS A 13 -6.10 -3.61 3.80
CA LYS A 13 -4.69 -3.54 4.23
C LYS A 13 -4.50 -3.55 5.75
N GLU A 14 -5.22 -2.69 6.46
CA GLU A 14 -5.15 -2.54 7.91
C GLU A 14 -5.47 -3.88 8.61
N THR A 15 -6.54 -4.59 8.20
CA THR A 15 -6.94 -5.88 8.77
C THR A 15 -5.83 -6.91 8.52
N VAL A 16 -5.29 -6.94 7.30
CA VAL A 16 -4.26 -7.90 6.92
C VAL A 16 -2.99 -7.62 7.69
N ARG A 17 -2.53 -6.36 7.78
CA ARG A 17 -1.32 -6.00 8.52
CA ARG A 17 -1.31 -6.02 8.50
C ARG A 17 -1.47 -6.38 9.99
N LYS A 18 -2.62 -6.06 10.61
CA LYS A 18 -2.89 -6.33 12.00
C LYS A 18 -2.85 -7.85 12.28
N GLN A 19 -3.48 -8.66 11.41
CA GLN A 19 -3.49 -10.13 11.57
C GLN A 19 -2.11 -10.72 11.36
N ALA A 20 -1.33 -10.19 10.38
CA ALA A 20 0.02 -10.68 10.08
C ALA A 20 0.94 -10.44 11.29
N MSE A 21 0.83 -9.26 11.91
CA MSE A 21 1.65 -8.95 13.09
C MSE A 21 1.31 -9.89 14.26
O MSE A 21 2.21 -10.40 14.93
CB MSE A 21 1.48 -7.49 13.49
CG MSE A 21 2.06 -6.52 12.47
SE MSE A 21 2.01 -4.72 13.16
CE MSE A 21 0.08 -4.36 13.04
N GLU A 22 0.01 -10.15 14.46
CA GLU A 22 -0.45 -11.08 15.51
C GLU A 22 0.01 -12.50 15.23
N ASP A 23 -0.13 -12.94 13.97
CA ASP A 23 0.25 -14.29 13.58
C ASP A 23 1.77 -14.52 13.65
N ILE A 24 2.58 -13.47 13.39
CA ILE A 24 4.04 -13.62 13.51
C ILE A 24 4.39 -13.68 15.00
N GLU A 25 3.69 -12.93 15.86
CA GLU A 25 3.90 -13.00 17.31
C GLU A 25 3.53 -14.38 17.83
N ILE A 26 2.48 -15.01 17.32
CA ILE A 26 2.07 -16.36 17.73
C ILE A 26 3.16 -17.35 17.25
N ALA A 27 3.73 -17.17 16.04
CA ALA A 27 4.82 -18.01 15.55
C ALA A 27 6.07 -17.88 16.44
N GLN A 28 6.40 -16.64 16.86
CA GLN A 28 7.56 -16.41 17.74
C GLN A 28 7.36 -16.95 19.17
N SER A 29 6.10 -17.17 19.60
CA SER A 29 5.80 -17.65 20.95
C SER A 29 6.28 -19.08 21.22
N LYS A 30 6.56 -19.84 20.14
CA LYS A 30 7.03 -21.25 20.14
C LYS A 30 5.89 -22.21 20.52
N ASP A 31 4.65 -21.70 20.61
CA ASP A 31 3.46 -22.52 20.90
C ASP A 31 2.92 -23.04 19.56
N TYR A 32 3.34 -24.27 19.20
CA TYR A 32 2.97 -24.93 17.95
C TYR A 32 1.44 -25.04 17.75
N GLU A 33 0.71 -25.49 18.78
CA GLU A 33 -0.73 -25.67 18.70
C GLU A 33 -1.48 -24.33 18.48
N SER A 34 -1.00 -23.20 19.09
CA SER A 34 -1.66 -21.90 18.85
C SER A 34 -1.40 -21.44 17.44
N TRP A 35 -0.17 -21.68 16.93
CA TRP A 35 0.22 -21.29 15.59
C TRP A 35 -0.56 -22.10 14.59
N LYS A 36 -0.66 -23.44 14.78
CA LYS A 36 -1.44 -24.34 13.92
C LYS A 36 -2.93 -23.89 13.84
N SER A 37 -3.51 -23.47 14.97
CA SER A 37 -4.90 -23.05 15.09
C SER A 37 -5.22 -21.80 14.26
N ARG A 38 -4.18 -21.07 13.80
CA ARG A 38 -4.37 -19.85 12.99
C ARG A 38 -4.53 -20.17 11.48
N PHE A 39 -4.32 -21.43 11.08
CA PHE A 39 -4.49 -21.89 9.70
C PHE A 39 -5.93 -22.28 9.45
N THR A 40 -6.39 -22.18 8.18
CA THR A 40 -7.74 -22.64 7.81
C THR A 40 -7.92 -24.09 8.32
N LYS A 41 -9.12 -24.45 8.80
CA LYS A 41 -9.43 -25.78 9.32
C LYS A 41 -8.91 -26.90 8.40
N ASP A 42 -9.12 -26.76 7.05
CA ASP A 42 -8.72 -27.74 6.05
C ASP A 42 -7.19 -27.90 5.90
N LEU A 43 -6.38 -26.91 6.28
CA LEU A 43 -4.92 -27.07 6.12
C LEU A 43 -4.17 -27.45 7.43
N GLN A 44 -4.82 -27.36 8.60
CA GLN A 44 -4.18 -27.64 9.90
C GLN A 44 -3.55 -29.03 9.91
N SER A 45 -4.31 -30.05 9.43
CA SER A 45 -3.85 -31.44 9.41
CA SER A 45 -3.94 -31.45 9.28
C SER A 45 -2.68 -31.64 8.42
N SER A 46 -2.39 -30.67 7.56
CA SER A 46 -1.26 -30.70 6.63
C SER A 46 0.06 -30.23 7.31
N LEU A 47 -0.04 -29.56 8.47
CA LEU A 47 1.12 -29.01 9.19
C LEU A 47 1.77 -30.05 10.09
N THR A 48 3.09 -29.89 10.31
CA THR A 48 3.85 -30.75 11.22
C THR A 48 4.60 -29.92 12.25
N GLU A 49 4.84 -30.50 13.44
CA GLU A 49 5.61 -29.82 14.48
C GLU A 49 7.08 -29.76 14.08
N GLU A 50 7.59 -30.80 13.39
CA GLU A 50 8.97 -30.87 12.90
C GLU A 50 9.26 -29.65 11.97
N SER A 51 8.38 -29.36 11.01
CA SER A 51 8.54 -28.21 10.11
C SER A 51 8.52 -26.86 10.87
N TYR A 52 7.64 -26.74 11.89
CA TYR A 52 7.55 -25.55 12.75
C TYR A 52 8.83 -25.42 13.60
N ASP A 53 9.38 -26.53 14.12
CA ASP A 53 10.60 -26.53 14.92
C ASP A 53 11.83 -26.13 14.07
N SER A 54 11.82 -26.45 12.76
CA SER A 54 12.87 -26.05 11.82
C SER A 54 12.84 -24.52 11.67
N TYR A 55 11.64 -23.94 11.62
CA TYR A 55 11.45 -22.49 11.57
C TYR A 55 11.99 -21.84 12.89
N LEU A 56 11.68 -22.46 14.05
CA LEU A 56 12.12 -21.96 15.36
C LEU A 56 13.65 -21.96 15.46
N LYS A 57 14.32 -22.99 14.89
CA LYS A 57 15.78 -23.10 14.84
C LYS A 57 16.39 -21.89 14.09
N ILE A 58 15.84 -21.56 12.90
CA ILE A 58 16.27 -20.43 12.07
C ILE A 58 15.91 -19.11 12.78
N LEU A 59 14.72 -19.04 13.39
CA LEU A 59 14.22 -17.86 14.13
C LEU A 59 15.16 -17.50 15.29
N GLU A 60 15.59 -18.50 16.10
CA GLU A 60 16.48 -18.28 17.25
C GLU A 60 17.80 -17.58 16.84
N LYS A 61 18.29 -17.85 15.61
CA LYS A 61 19.54 -17.28 15.06
C LYS A 61 19.43 -15.78 14.75
N GLN A 62 18.20 -15.22 14.73
CA GLN A 62 17.95 -13.81 14.39
C GLN A 62 18.10 -12.88 15.59
N GLY A 63 18.03 -13.44 16.78
CA GLY A 63 18.08 -12.64 18.00
C GLY A 63 16.71 -12.10 18.34
N GLU A 64 16.66 -11.15 19.26
CA GLU A 64 15.45 -10.55 19.77
C GLU A 64 14.69 -9.74 18.73
N PHE A 65 13.36 -9.86 18.76
CA PHE A 65 12.44 -9.09 17.93
C PHE A 65 12.63 -7.63 18.27
N LYS A 66 12.78 -6.78 17.26
CA LYS A 66 12.97 -5.35 17.50
C LYS A 66 11.73 -4.55 17.09
N GLU A 67 11.22 -4.76 15.87
CA GLU A 67 10.12 -3.96 15.32
C GLU A 67 9.52 -4.57 14.05
N PHE A 68 8.27 -4.19 13.71
CA PHE A 68 7.67 -4.52 12.39
C PHE A 68 7.99 -3.38 11.48
N GLY A 69 8.32 -3.68 10.23
CA GLY A 69 8.58 -2.68 9.21
C GLY A 69 7.44 -2.56 8.20
N LYS A 70 7.79 -2.24 6.95
CA LYS A 70 6.89 -2.04 5.81
C LYS A 70 6.17 -3.31 5.37
N CYS A 71 4.98 -3.12 4.75
CA CYS A 71 4.12 -4.16 4.19
C CYS A 71 4.02 -3.99 2.71
N THR A 72 4.07 -5.12 1.97
CA THR A 72 3.80 -5.22 0.52
C THR A 72 2.62 -6.17 0.36
N TYR A 73 1.55 -5.75 -0.29
CA TYR A 73 0.32 -6.52 -0.44
C TYR A 73 0.20 -7.17 -1.81
N LEU A 74 -0.26 -8.41 -1.83
CA LEU A 74 -0.43 -9.19 -3.05
C LEU A 74 -1.69 -10.00 -2.93
N GLY A 75 -2.05 -10.68 -3.99
CA GLY A 75 -3.27 -11.50 -3.97
C GLY A 75 -3.19 -12.63 -4.97
N GLN A 76 -4.16 -13.51 -4.88
CA GLN A 76 -4.26 -14.65 -5.78
C GLN A 76 -5.72 -15.11 -5.87
N ILE A 77 -6.13 -15.49 -7.06
CA ILE A 77 -7.40 -16.10 -7.32
C ILE A 77 -7.06 -17.53 -7.76
N LYS A 78 -7.46 -18.53 -6.95
CA LYS A 78 -7.15 -19.93 -7.21
C LYS A 78 -8.43 -20.74 -7.02
N ASP A 79 -8.85 -21.46 -8.08
CA ASP A 79 -10.08 -22.26 -8.10
C ASP A 79 -11.30 -21.36 -7.68
N ASN A 80 -11.35 -20.13 -8.23
CA ASN A 80 -12.37 -19.09 -8.03
C ASN A 80 -12.48 -18.57 -6.58
N LYS A 81 -11.46 -18.85 -5.73
CA LYS A 81 -11.42 -18.36 -4.35
C LYS A 81 -10.32 -17.29 -4.25
N LYS A 82 -10.52 -16.29 -3.39
CA LYS A 82 -9.59 -15.16 -3.23
C LYS A 82 -8.70 -15.32 -2.02
N TYR A 83 -7.40 -15.00 -2.20
CA TYR A 83 -6.38 -15.09 -1.14
C TYR A 83 -5.59 -13.80 -1.10
N GLY A 84 -5.48 -13.23 0.09
CA GLY A 84 -4.79 -11.97 0.30
C GLY A 84 -3.45 -12.24 0.91
N GLY A 85 -2.41 -11.68 0.31
CA GLY A 85 -1.06 -11.89 0.79
C GLY A 85 -0.35 -10.62 1.25
N VAL A 86 0.63 -10.81 2.13
CA VAL A 86 1.42 -9.70 2.63
C VAL A 86 2.86 -10.16 2.83
N ILE A 87 3.80 -9.33 2.39
CA ILE A 87 5.22 -9.48 2.63
C ILE A 87 5.52 -8.39 3.66
N ILE A 88 5.82 -8.79 4.89
CA ILE A 88 6.03 -7.83 5.98
C ILE A 88 7.45 -7.97 6.50
N VAL A 89 8.09 -6.83 6.70
CA VAL A 89 9.44 -6.76 7.24
C VAL A 89 9.38 -6.94 8.75
N VAL A 90 10.20 -7.85 9.27
CA VAL A 90 10.33 -8.06 10.71
C VAL A 90 11.80 -7.76 11.03
N LYS A 91 12.04 -6.75 11.85
CA LYS A 91 13.40 -6.33 12.21
C LYS A 91 13.84 -7.02 13.50
N TYR A 92 14.86 -7.88 13.39
CA TYR A 92 15.47 -8.60 14.53
C TYR A 92 16.82 -7.98 14.79
N GLU A 93 17.44 -8.32 15.93
CA GLU A 93 18.76 -7.82 16.32
C GLU A 93 19.81 -8.17 15.27
N GLU A 94 19.72 -9.36 14.64
CA GLU A 94 20.71 -9.74 13.63
C GLU A 94 20.37 -9.21 12.21
N GLY A 95 19.23 -8.54 12.07
CA GLY A 95 18.81 -7.98 10.78
C GLY A 95 17.35 -8.15 10.45
N ASN A 96 16.96 -7.58 9.32
CA ASN A 96 15.61 -7.59 8.74
C ASN A 96 15.29 -8.94 8.10
N VAL A 97 14.06 -9.41 8.28
CA VAL A 97 13.56 -10.68 7.74
C VAL A 97 12.22 -10.40 7.07
N ASN A 98 12.04 -10.88 5.84
CA ASN A 98 10.79 -10.69 5.10
C ASN A 98 9.88 -11.92 5.24
N TYR A 99 8.78 -11.77 5.98
CA TYR A 99 7.81 -12.87 6.10
C TYR A 99 6.76 -12.78 5.01
N SER A 100 6.32 -13.92 4.46
CA SER A 100 5.24 -13.98 3.46
C SER A 100 4.10 -14.78 4.04
N LEU A 101 2.95 -14.13 4.24
CA LEU A 101 1.74 -14.72 4.79
C LEU A 101 0.62 -14.55 3.82
N ALA A 102 -0.24 -15.55 3.72
CA ALA A 102 -1.41 -15.49 2.86
C ALA A 102 -2.62 -15.95 3.64
N TYR A 103 -3.76 -15.34 3.37
CA TYR A 103 -5.01 -15.59 4.06
C TYR A 103 -6.14 -15.91 3.13
N ASP A 104 -7.11 -16.67 3.65
CA ASP A 104 -8.36 -16.82 2.94
C ASP A 104 -9.26 -15.64 3.40
N GLU A 105 -10.47 -15.52 2.82
CA GLU A 105 -11.35 -14.38 3.14
C GLU A 105 -11.78 -14.39 4.62
N ASP A 106 -11.77 -15.56 5.30
CA ASP A 106 -12.10 -15.66 6.73
C ASP A 106 -10.92 -15.23 7.60
N MSE A 107 -9.81 -14.80 6.98
CA MSE A 107 -8.60 -14.27 7.66
C MSE A 107 -7.87 -15.33 8.47
O MSE A 107 -7.22 -15.04 9.50
CB MSE A 107 -8.93 -13.01 8.49
CG MSE A 107 -9.20 -11.77 7.59
SE MSE A 107 -7.72 -11.36 6.38
CE MSE A 107 -6.25 -11.14 7.62
N ASN A 108 -7.89 -16.56 7.93
CA ASN A 108 -7.10 -17.66 8.51
C ASN A 108 -5.95 -17.95 7.54
N LEU A 109 -4.80 -18.36 8.03
CA LEU A 109 -3.64 -18.59 7.17
C LEU A 109 -3.80 -19.75 6.18
N VAL A 110 -3.27 -19.55 4.96
CA VAL A 110 -3.19 -20.62 3.97
C VAL A 110 -1.71 -20.87 3.69
N SER A 111 -0.86 -19.94 4.14
CA SER A 111 0.59 -19.98 3.89
C SER A 111 1.32 -19.09 4.88
N PHE A 112 2.48 -19.53 5.31
CA PHE A 112 3.31 -18.80 6.27
C PHE A 112 4.74 -19.15 5.97
N THR A 113 5.54 -18.18 5.54
CA THR A 113 6.96 -18.40 5.18
C THR A 113 7.84 -17.28 5.73
N MSE A 114 8.94 -17.67 6.34
CA MSE A 114 9.94 -16.75 6.87
C MSE A 114 10.89 -16.33 5.76
O MSE A 114 11.26 -17.18 4.92
OXT MSE A 114 11.33 -15.17 5.78
CB MSE A 114 10.70 -17.41 7.98
CG MSE A 114 11.38 -16.42 8.87
SE MSE A 114 12.89 -17.23 9.68
CE MSE A 114 13.14 -15.85 11.04
N GLY B 1 14.71 5.24 -18.54
CA GLY B 1 13.60 5.49 -17.62
C GLY B 1 12.91 4.24 -17.10
N GLU B 2 12.11 4.39 -16.03
CA GLU B 2 11.38 3.27 -15.42
C GLU B 2 10.00 3.68 -14.91
N ILE B 3 8.99 2.84 -15.13
CA ILE B 3 7.65 2.96 -14.54
C ILE B 3 7.61 1.93 -13.42
N LEU B 4 7.27 2.37 -12.22
CA LEU B 4 7.30 1.45 -11.09
CA LEU B 4 7.30 1.50 -11.03
C LEU B 4 5.91 1.25 -10.51
N LYS B 5 5.64 0.04 -10.03
CA LYS B 5 4.34 -0.31 -9.44
C LYS B 5 4.42 -0.19 -7.88
N GLU B 6 5.20 0.78 -7.41
CA GLU B 6 5.30 1.16 -6.00
C GLU B 6 5.99 2.49 -5.94
N LEU B 7 6.06 3.13 -4.77
CA LEU B 7 6.79 4.38 -4.68
C LEU B 7 8.30 4.13 -4.81
N PRO B 8 9.06 5.07 -5.39
CA PRO B 8 10.53 4.93 -5.37
C PRO B 8 11.12 5.12 -3.96
N GLU B 9 12.41 4.81 -3.78
CA GLU B 9 13.11 5.06 -2.51
C GLU B 9 13.01 6.55 -2.14
N GLY B 10 12.87 6.87 -0.86
CA GLY B 10 12.80 8.26 -0.36
C GLY B 10 11.37 8.77 -0.22
N PHE B 11 10.40 8.03 -0.77
CA PHE B 11 8.98 8.42 -0.65
C PHE B 11 8.30 7.49 0.38
N ASP B 12 7.34 7.99 1.07
CA ASP B 12 6.62 7.26 2.11
C ASP B 12 5.11 7.36 1.77
N LYS B 13 4.31 6.27 1.86
CA LYS B 13 2.87 6.26 1.54
C LYS B 13 2.06 7.31 2.30
N GLU B 14 2.22 7.35 3.62
CA GLU B 14 1.49 8.23 4.51
C GLU B 14 1.75 9.72 4.16
N THR B 15 3.03 10.09 3.89
CA THR B 15 3.40 11.46 3.47
C THR B 15 2.73 11.81 2.13
N VAL B 16 2.75 10.86 1.19
CA VAL B 16 2.20 11.07 -0.15
C VAL B 16 0.70 11.22 -0.06
N ARG B 17 0.02 10.37 0.73
CA ARG B 17 -1.43 10.42 0.88
C ARG B 17 -1.84 11.79 1.49
N LYS B 18 -1.15 12.23 2.55
CA LYS B 18 -1.45 13.53 3.19
C LYS B 18 -1.26 14.69 2.23
N GLN B 19 -0.15 14.67 1.47
CA GLN B 19 0.12 15.77 0.54
C GLN B 19 -0.90 15.79 -0.61
N ALA B 20 -1.31 14.61 -1.12
CA ALA B 20 -2.26 14.48 -2.21
C ALA B 20 -3.63 15.02 -1.77
N MSE B 21 -4.06 14.67 -0.56
CA MSE B 21 -5.34 15.17 -0.07
C MSE B 21 -5.28 16.70 0.14
O MSE B 21 -6.22 17.39 -0.24
CB MSE B 21 -5.71 14.43 1.21
CG MSE B 21 -6.03 12.93 0.97
SE MSE B 21 -6.77 12.09 2.55
CE MSE B 21 -5.26 12.28 3.85
N GLU B 22 -4.18 17.21 0.69
CA GLU B 22 -3.98 18.67 0.86
C GLU B 22 -4.00 19.39 -0.49
N ASP B 23 -3.24 18.85 -1.48
CA ASP B 23 -3.12 19.43 -2.80
C ASP B 23 -4.45 19.41 -3.57
N ILE B 24 -5.29 18.36 -3.38
CA ILE B 24 -6.59 18.28 -4.06
C ILE B 24 -7.52 19.31 -3.40
N GLU B 25 -7.42 19.50 -2.08
CA GLU B 25 -8.20 20.52 -1.37
C GLU B 25 -7.82 21.92 -1.85
N ILE B 26 -6.53 22.17 -2.12
CA ILE B 26 -6.07 23.47 -2.62
C ILE B 26 -6.66 23.65 -4.05
N ALA B 27 -6.62 22.60 -4.89
CA ALA B 27 -7.21 22.65 -6.23
C ALA B 27 -8.71 22.98 -6.15
N GLN B 28 -9.45 22.34 -5.22
CA GLN B 28 -10.89 22.59 -5.07
C GLN B 28 -11.22 23.99 -4.54
N SER B 29 -10.27 24.67 -3.86
CA SER B 29 -10.46 26.01 -3.27
C SER B 29 -10.64 27.11 -4.31
N LYS B 30 -10.27 26.83 -5.56
CA LYS B 30 -10.37 27.74 -6.73
C LYS B 30 -9.27 28.85 -6.67
N ASP B 31 -8.31 28.71 -5.75
CA ASP B 31 -7.18 29.62 -5.61
C ASP B 31 -6.06 29.17 -6.54
N TYR B 32 -6.04 29.74 -7.77
CA TYR B 32 -5.08 29.39 -8.82
C TYR B 32 -3.61 29.55 -8.38
N GLU B 33 -3.28 30.70 -7.78
CA GLU B 33 -1.90 30.99 -7.34
C GLU B 33 -1.41 30.04 -6.25
N SER B 34 -2.31 29.61 -5.31
CA SER B 34 -1.88 28.66 -4.28
C SER B 34 -1.63 27.30 -4.90
N TRP B 35 -2.50 26.90 -5.86
CA TRP B 35 -2.38 25.63 -6.55
C TRP B 35 -1.10 25.61 -7.37
N LYS B 36 -0.84 26.68 -8.15
CA LYS B 36 0.38 26.82 -8.95
C LYS B 36 1.66 26.67 -8.08
N SER B 37 1.65 27.30 -6.89
CA SER B 37 2.76 27.33 -5.93
C SER B 37 3.13 25.94 -5.39
N ARG B 38 2.23 24.95 -5.53
CA ARG B 38 2.46 23.57 -5.06
C ARG B 38 3.27 22.75 -6.06
N PHE B 39 3.51 23.30 -7.26
CA PHE B 39 4.31 22.66 -8.29
C PHE B 39 5.80 23.05 -8.16
N THR B 40 6.70 22.19 -8.67
CA THR B 40 8.15 22.47 -8.67
C THR B 40 8.38 23.80 -9.45
N LYS B 41 9.41 24.57 -9.07
CA LYS B 41 9.75 25.88 -9.66
C LYS B 41 9.84 25.84 -11.19
N ASP B 42 10.54 24.85 -11.75
CA ASP B 42 10.74 24.58 -13.19
C ASP B 42 9.41 24.42 -13.97
N LEU B 43 8.33 24.00 -13.30
CA LEU B 43 7.04 23.71 -13.94
C LEU B 43 5.99 24.80 -13.78
N GLN B 44 6.22 25.79 -12.90
CA GLN B 44 5.28 26.88 -12.61
C GLN B 44 5.00 27.72 -13.87
N SER B 45 6.06 28.13 -14.56
CA SER B 45 6.00 28.92 -15.82
C SER B 45 5.20 28.21 -16.91
N SER B 46 5.09 26.88 -16.82
CA SER B 46 4.38 26.05 -17.80
C SER B 46 2.87 26.01 -17.55
N LEU B 47 2.42 26.41 -16.34
CA LEU B 47 0.99 26.36 -16.00
C LEU B 47 0.25 27.60 -16.44
N THR B 48 -1.05 27.45 -16.73
CA THR B 48 -1.91 28.56 -17.13
C THR B 48 -3.17 28.59 -16.28
N GLU B 49 -3.75 29.80 -16.09
CA GLU B 49 -4.98 29.95 -15.34
C GLU B 49 -6.16 29.38 -16.16
N GLU B 50 -6.11 29.55 -17.50
CA GLU B 50 -7.12 29.04 -18.43
C GLU B 50 -7.27 27.52 -18.24
N SER B 51 -6.15 26.76 -18.22
CA SER B 51 -6.18 25.30 -18.03
C SER B 51 -6.75 24.92 -16.66
N TYR B 52 -6.40 25.68 -15.59
CA TYR B 52 -6.92 25.48 -14.22
C TYR B 52 -8.42 25.76 -14.18
N ASP B 53 -8.89 26.84 -14.87
CA ASP B 53 -10.32 27.19 -14.92
C ASP B 53 -11.14 26.13 -15.68
N SER B 54 -10.52 25.43 -16.66
CA SER B 54 -11.17 24.33 -17.38
C SER B 54 -11.38 23.17 -16.41
N TYR B 55 -10.40 22.91 -15.53
CA TYR B 55 -10.52 21.89 -14.49
C TYR B 55 -11.65 22.26 -13.51
N LEU B 56 -11.73 23.55 -13.10
CA LEU B 56 -12.76 24.03 -12.19
C LEU B 56 -14.17 23.85 -12.78
N LYS B 57 -14.32 24.07 -14.12
CA LYS B 57 -15.57 23.87 -14.85
C LYS B 57 -16.03 22.41 -14.74
N ILE B 58 -15.13 21.45 -14.98
CA ILE B 58 -15.39 20.00 -14.88
C ILE B 58 -15.66 19.62 -13.41
N LEU B 59 -14.86 20.18 -12.48
CA LEU B 59 -14.97 19.96 -11.03
C LEU B 59 -16.37 20.35 -10.51
N GLU B 60 -16.87 21.55 -10.89
CA GLU B 60 -18.19 22.05 -10.47
C GLU B 60 -19.34 21.08 -10.82
N LYS B 61 -19.21 20.32 -11.94
CA LYS B 61 -20.21 19.35 -12.41
C LYS B 61 -20.29 18.08 -11.52
N GLN B 62 -19.32 17.89 -10.63
CA GLN B 62 -19.24 16.71 -9.74
C GLN B 62 -20.06 16.86 -8.48
N GLY B 63 -20.38 18.09 -8.14
CA GLY B 63 -21.08 18.39 -6.90
C GLY B 63 -20.11 18.45 -5.74
N GLU B 64 -20.68 18.44 -4.54
CA GLU B 64 -19.95 18.59 -3.29
C GLU B 64 -19.00 17.43 -3.03
N PHE B 65 -17.81 17.77 -2.51
CA PHE B 65 -16.82 16.81 -2.07
C PHE B 65 -17.44 15.99 -0.94
N LYS B 66 -17.32 14.67 -1.01
CA LYS B 66 -17.89 13.81 0.04
C LYS B 66 -16.80 13.17 0.88
N GLU B 67 -15.79 12.55 0.24
CA GLU B 67 -14.76 11.80 0.96
C GLU B 67 -13.57 11.44 0.07
N PHE B 68 -12.40 11.13 0.68
CA PHE B 68 -11.28 10.56 -0.06
C PHE B 68 -11.40 9.07 0.08
N GLY B 69 -11.11 8.36 -0.99
CA GLY B 69 -11.13 6.90 -0.99
C GLY B 69 -9.72 6.33 -0.95
N LYS B 70 -9.54 5.18 -1.60
CA LYS B 70 -8.30 4.41 -1.67
C LYS B 70 -7.23 5.10 -2.50
N CYS B 71 -5.97 4.78 -2.16
CA CYS B 71 -4.77 5.24 -2.84
C CYS B 71 -4.10 4.09 -3.50
N THR B 72 -3.61 4.29 -4.73
CA THR B 72 -2.78 3.36 -5.51
C THR B 72 -1.47 4.06 -5.74
N TYR B 73 -0.35 3.49 -5.29
CA TYR B 73 0.99 4.11 -5.35
C TYR B 73 1.80 3.58 -6.49
N LEU B 74 2.45 4.51 -7.20
CA LEU B 74 3.28 4.20 -8.36
C LEU B 74 4.50 5.06 -8.32
N GLY B 75 5.40 4.85 -9.26
CA GLY B 75 6.61 5.65 -9.30
C GLY B 75 7.18 5.71 -10.68
N GLN B 76 8.17 6.55 -10.83
CA GLN B 76 8.86 6.73 -12.10
C GLN B 76 10.28 7.22 -11.86
N ILE B 77 11.21 6.70 -12.65
CA ILE B 77 12.58 7.17 -12.72
C ILE B 77 12.73 7.80 -14.11
N LYS B 78 13.00 9.10 -14.15
CA LYS B 78 13.09 9.90 -15.36
C LYS B 78 14.30 10.79 -15.24
N ASP B 79 15.23 10.66 -16.21
CA ASP B 79 16.51 11.37 -16.28
C ASP B 79 17.26 11.24 -14.90
N ASN B 80 17.28 10.00 -14.36
CA ASN B 80 17.91 9.59 -13.08
C ASN B 80 17.30 10.25 -11.84
N LYS B 81 16.12 10.88 -11.95
CA LYS B 81 15.43 11.47 -10.81
C LYS B 81 14.20 10.62 -10.49
N LYS B 82 13.81 10.58 -9.20
CA LYS B 82 12.70 9.74 -8.72
C LYS B 82 11.45 10.55 -8.51
N TYR B 83 10.30 10.00 -8.93
CA TYR B 83 8.98 10.63 -8.83
C TYR B 83 8.00 9.63 -8.25
N GLY B 84 7.28 10.07 -7.23
CA GLY B 84 6.33 9.24 -6.51
C GLY B 84 4.94 9.63 -6.93
N GLY B 85 4.15 8.65 -7.27
CA GLY B 85 2.81 8.91 -7.76
C GLY B 85 1.73 8.24 -6.99
N VAL B 86 0.55 8.83 -7.07
CA VAL B 86 -0.60 8.28 -6.40
C VAL B 86 -1.84 8.50 -7.30
N ILE B 87 -2.65 7.46 -7.39
CA ILE B 87 -3.98 7.49 -7.97
C ILE B 87 -4.91 7.43 -6.76
N ILE B 88 -5.59 8.54 -6.47
CA ILE B 88 -6.43 8.63 -5.29
C ILE B 88 -7.88 8.84 -5.71
N VAL B 89 -8.77 8.10 -5.08
CA VAL B 89 -10.20 8.17 -5.31
C VAL B 89 -10.74 9.37 -4.57
N VAL B 90 -11.49 10.23 -5.26
CA VAL B 90 -12.16 11.36 -4.62
C VAL B 90 -13.65 11.14 -4.88
N LYS B 91 -14.42 10.98 -3.80
CA LYS B 91 -15.85 10.71 -3.89
C LYS B 91 -16.62 12.03 -3.82
N TYR B 92 -17.30 12.38 -4.92
CA TYR B 92 -18.16 13.57 -5.01
C TYR B 92 -19.59 13.10 -5.01
N GLU B 93 -20.52 14.05 -4.87
CA GLU B 93 -21.94 13.79 -4.85
C GLU B 93 -22.35 13.04 -6.13
N GLU B 94 -21.80 13.45 -7.29
CA GLU B 94 -22.17 12.86 -8.58
C GLU B 94 -21.41 11.56 -8.89
N GLY B 95 -20.46 11.18 -8.03
CA GLY B 95 -19.70 9.96 -8.18
C GLY B 95 -18.23 10.09 -7.87
N ASN B 96 -17.52 8.95 -7.95
CA ASN B 96 -16.10 8.76 -7.73
C ASN B 96 -15.28 9.29 -8.90
N VAL B 97 -14.16 9.97 -8.59
CA VAL B 97 -13.24 10.55 -9.57
C VAL B 97 -11.83 10.12 -9.16
N ASN B 98 -11.04 9.62 -10.13
CA ASN B 98 -9.67 9.17 -9.86
C ASN B 98 -8.67 10.27 -10.23
N TYR B 99 -8.04 10.88 -9.23
CA TYR B 99 -7.02 11.88 -9.50
C TYR B 99 -5.62 11.20 -9.59
N SER B 100 -4.77 11.68 -10.50
CA SER B 100 -3.39 11.20 -10.63
C SER B 100 -2.47 12.36 -10.33
N LEU B 101 -1.68 12.22 -9.25
CA LEU B 101 -0.73 13.23 -8.80
C LEU B 101 0.63 12.60 -8.75
N ALA B 102 1.65 13.37 -9.11
CA ALA B 102 3.03 12.90 -9.03
C ALA B 102 3.88 13.98 -8.38
N TYR B 103 4.87 13.55 -7.60
CA TYR B 103 5.73 14.42 -6.82
C TYR B 103 7.17 14.17 -7.09
N ASP B 104 7.98 15.22 -6.90
CA ASP B 104 9.42 15.05 -6.87
C ASP B 104 9.78 14.70 -5.40
N GLU B 105 11.07 14.42 -5.12
CA GLU B 105 11.47 14.01 -3.77
C GLU B 105 11.24 15.13 -2.73
N ASP B 106 11.20 16.42 -3.18
CA ASP B 106 10.92 17.56 -2.29
C ASP B 106 9.42 17.68 -2.01
N MSE B 107 8.61 16.76 -2.54
CA MSE B 107 7.15 16.68 -2.30
C MSE B 107 6.40 17.88 -2.91
O MSE B 107 5.35 18.32 -2.39
CB MSE B 107 6.84 16.45 -0.80
CG MSE B 107 7.18 15.01 -0.35
SE MSE B 107 6.27 13.60 -1.42
CE MSE B 107 4.38 14.11 -1.18
N ASN B 108 6.90 18.34 -4.07
CA ASN B 108 6.29 19.35 -4.93
C ASN B 108 5.74 18.66 -6.14
N LEU B 109 4.57 19.10 -6.60
CA LEU B 109 3.85 18.50 -7.71
C LEU B 109 4.58 18.61 -9.05
N VAL B 110 4.64 17.50 -9.80
CA VAL B 110 5.21 17.54 -11.16
C VAL B 110 4.08 17.26 -12.14
N SER B 111 2.95 16.80 -11.63
CA SER B 111 1.79 16.42 -12.43
C SER B 111 0.55 16.38 -11.56
N PHE B 112 -0.57 16.79 -12.13
CA PHE B 112 -1.86 16.84 -11.44
C PHE B 112 -2.91 16.64 -12.51
N THR B 113 -3.66 15.52 -12.43
CA THR B 113 -4.70 15.22 -13.42
C THR B 113 -5.94 14.69 -12.72
N MSE B 114 -7.09 15.22 -13.13
CA MSE B 114 -8.39 14.79 -12.63
C MSE B 114 -8.87 13.56 -13.41
O MSE B 114 -8.69 13.53 -14.65
OXT MSE B 114 -9.50 12.69 -12.78
CB MSE B 114 -9.40 15.92 -12.78
CG MSE B 114 -10.57 15.75 -11.89
SE MSE B 114 -12.08 16.64 -12.63
CE MSE B 114 -13.16 16.57 -11.01
S SO4 C . -6.95 -22.41 -11.29
O1 SO4 C . -6.54 -23.73 -10.88
O2 SO4 C . -6.72 -21.52 -10.17
O3 SO4 C . -6.13 -21.97 -12.43
O4 SO4 C . -8.36 -22.34 -11.67
S SO4 D . -11.75 -21.25 7.38
O1 SO4 D . -12.14 -21.89 6.14
O2 SO4 D . -12.93 -20.57 7.94
O3 SO4 D . -11.20 -22.30 8.35
O4 SO4 D . -10.76 -20.23 7.14
CL CL E . -12.70 -4.55 -1.09
CL CL F . -7.35 -1.47 1.72
C1 GOL G . -14.44 -16.10 -1.45
O1 GOL G . -13.30 -16.40 -2.23
C2 GOL G . -14.71 -17.17 -0.43
O2 GOL G . -13.49 -17.88 -0.16
C3 GOL G . -15.23 -16.54 0.85
O3 GOL G . -15.02 -17.38 1.99
C1 GOL H . -0.67 -4.88 17.88
O1 GOL H . -0.19 -3.56 18.05
C2 GOL H . 0.35 -5.71 17.13
O2 GOL H . 1.63 -5.62 17.77
C3 GOL H . -0.10 -7.16 17.08
O3 GOL H . -0.38 -7.69 18.37
C1 GOL I . 4.05 0.96 5.57
O1 GOL I . 4.04 1.96 4.56
C2 GOL I . 3.02 -0.12 5.34
O2 GOL I . 3.25 -1.17 6.28
C3 GOL I . 1.60 0.36 5.50
O3 GOL I . 0.66 -0.71 5.44
C1 GOL J . 2.27 -33.21 15.58
O1 GOL J . 0.89 -32.94 15.37
C2 GOL J . 2.90 -33.83 14.36
O2 GOL J . 2.52 -33.10 13.20
C3 GOL J . 4.41 -33.83 14.50
O3 GOL J . 5.08 -34.00 13.25
S SO4 K . 0.66 -1.20 -1.75
O1 SO4 K . 0.14 -0.37 -0.66
O2 SO4 K . 1.28 -0.30 -2.75
O3 SO4 K . 1.67 -2.17 -1.26
O4 SO4 K . -0.42 -1.98 -2.42
S SO4 L . 14.77 8.82 -19.50
O1 SO4 L . 14.68 8.42 -18.11
O2 SO4 L . 15.81 9.85 -19.60
O3 SO4 L . 15.16 7.67 -20.28
O4 SO4 L . 13.49 9.36 -19.98
S SO4 M . -4.08 3.81 1.67
O1 SO4 M . -2.98 2.90 2.05
O2 SO4 M . -4.98 4.00 2.80
O3 SO4 M . -3.48 5.10 1.31
O4 SO4 M . -4.87 3.26 0.55
S SO4 N . 11.58 21.85 -6.31
O1 SO4 N . 12.72 21.63 -5.44
O2 SO4 N . 11.11 23.26 -6.23
O3 SO4 N . 11.97 21.61 -7.71
O4 SO4 N . 10.53 20.94 -5.88
CL CL O . 12.60 4.69 1.30
CL CL P . 5.80 3.54 2.75
CL CL Q . -3.65 32.07 -18.54
CL CL R . -12.13 8.07 -13.27
C1 GOL S . 2.25 9.13 -11.48
O1 GOL S . 0.95 8.61 -11.20
C2 GOL S . 3.36 8.13 -11.24
O2 GOL S . 3.56 7.29 -12.38
C3 GOL S . 4.67 8.76 -10.83
O3 GOL S . 5.25 9.52 -11.88
C1 GOL T . 15.59 15.21 -5.94
O1 GOL T . 15.80 15.86 -4.68
C2 GOL T . 16.42 13.95 -6.10
O2 GOL T . 16.40 13.17 -4.88
C3 GOL T . 15.81 13.15 -7.22
O3 GOL T . 16.02 11.76 -7.03
C1 GOL U . -12.71 13.43 -15.93
O1 GOL U . -12.28 14.31 -16.96
C2 GOL U . -14.12 13.74 -15.49
O2 GOL U . -14.99 13.79 -16.63
C3 GOL U . -14.60 12.67 -14.54
O3 GOL U . -15.99 12.84 -14.25
C1 GOL V . 7.01 20.34 0.43
O1 GOL V . 7.01 21.38 -0.55
C2 GOL V . 5.98 20.59 1.50
O2 GOL V . 4.68 20.36 0.97
C3 GOL V . 6.21 19.69 2.69
O3 GOL V . 5.27 19.96 3.72
#